data_2L13
#
_entry.id   2L13
#
_entity_poly.entity_id   1
_entity_poly.type   'polydeoxyribonucleotide'
_entity_poly.pdbx_seq_one_letter_code
;(DT)(DA)(DT)(DT)(DA)(DT)(K12)(DA)(DT)(DA)(DA)(DT)(DA)
;
_entity_poly.pdbx_strand_id   A
#